data_1VB3
#
_entry.id   1VB3
#
_cell.length_a   86.931
_cell.length_b   86.931
_cell.length_c   141.331
_cell.angle_alpha   90.00
_cell.angle_beta   90.00
_cell.angle_gamma   120.00
#
_symmetry.space_group_name_H-M   'P 31 2 1'
#
loop_
_entity.id
_entity.type
_entity.pdbx_description
1 polymer 'Threonine synthase'
2 non-polymer 'SULFATE ION'
3 non-polymer '2-OXO-5-PHOSPHONOPENTANOIC ACID'
4 water water
#
_entity_poly.entity_id   1
_entity_poly.type   'polypeptide(L)'
_entity_poly.pdbx_seq_one_letter_code
;MKLYNLKDHNEQVSFAQAVTQGLGKNQGLFFPHDLPEFSLTEIDEMLKLDFVTRSAKILSAFIGDEIPQEILEERVRAAF
AFPAPVANVESDVGCLELFHGPTLAFKDFGGRFMAQMLTHIAGDKPVTILTATSGDTGAAVAHAFYGLPNVKVVILYPRG
KISPLQEKLFCTLGGNIETVAIDGDFDACQALVKQAFDDEELKVALGLNSANSINISRLLAQICYYFEAVAQLPQETRNQ
LVVSVPSGNFGDLTAGLLAKSLGLPVKRFIAATNVNDTVPRFLHDGQWSPKATQATLSNAMDVSQPNNWPRVEELFRRKI
WQLKELGYAAVDDETTQQTMRELKELGYTSEPHAAVAYRALRDQLNPGEYGLFLGTAHPAKFKESVEAILGETLDLPKEL
AERADLPLLSHNLPADFAALRKLMMNHQ
;
_entity_poly.pdbx_strand_id   A
#
loop_
_chem_comp.id
_chem_comp.type
_chem_comp.name
_chem_comp.formula
KPA non-polymer '2-OXO-5-PHOSPHONOPENTANOIC ACID' 'C5 H9 O6 P'
SO4 non-polymer 'SULFATE ION' 'O4 S -2'
#
# COMPACT_ATOMS: atom_id res chain seq x y z
N MET A 1 5.59 19.41 -10.79
CA MET A 1 4.47 19.17 -9.84
C MET A 1 4.64 19.98 -8.55
N LYS A 2 3.51 20.25 -7.90
CA LYS A 2 3.50 20.99 -6.64
C LYS A 2 2.73 20.20 -5.60
N LEU A 3 3.24 20.20 -4.37
CA LEU A 3 2.60 19.49 -3.26
C LEU A 3 2.53 20.44 -2.06
N TYR A 4 1.63 20.13 -1.13
CA TYR A 4 1.51 20.96 0.06
C TYR A 4 1.28 20.08 1.29
N ASN A 5 1.67 20.61 2.45
CA ASN A 5 1.52 19.89 3.70
C ASN A 5 0.07 20.02 4.16
N LEU A 6 -0.60 18.90 4.39
CA LEU A 6 -1.98 18.92 4.83
C LEU A 6 -2.10 19.76 6.11
N LYS A 7 -0.98 19.89 6.82
CA LYS A 7 -0.94 20.67 8.05
C LYS A 7 -0.54 22.12 7.81
N ASP A 8 -0.05 22.42 6.61
CA ASP A 8 0.35 23.78 6.26
C ASP A 8 0.27 23.98 4.75
N HIS A 9 -0.86 24.51 4.31
CA HIS A 9 -1.09 24.75 2.89
C HIS A 9 -0.06 25.68 2.24
N ASN A 10 0.69 26.42 3.06
CA ASN A 10 1.70 27.33 2.55
C ASN A 10 3.05 26.65 2.38
N GLU A 11 3.26 25.53 3.07
CA GLU A 11 4.50 24.78 2.95
C GLU A 11 4.35 23.94 1.69
N GLN A 12 5.02 24.34 0.62
CA GLN A 12 4.92 23.62 -0.64
C GLN A 12 6.24 23.07 -1.16
N VAL A 13 6.17 21.98 -1.91
CA VAL A 13 7.36 21.36 -2.48
C VAL A 13 7.04 20.71 -3.82
N SER A 14 8.07 20.50 -4.63
CA SER A 14 7.90 19.87 -5.93
C SER A 14 7.86 18.35 -5.72
N PHE A 15 7.69 17.61 -6.81
CA PHE A 15 7.66 16.16 -6.72
C PHE A 15 9.02 15.65 -6.26
N ALA A 16 10.07 16.25 -6.80
CA ALA A 16 11.44 15.87 -6.45
C ALA A 16 11.73 16.04 -4.98
N GLN A 17 11.29 17.16 -4.40
CA GLN A 17 11.52 17.44 -2.99
C GLN A 17 10.67 16.51 -2.11
N ALA A 18 9.44 16.27 -2.53
CA ALA A 18 8.54 15.40 -1.78
C ALA A 18 9.09 13.97 -1.72
N VAL A 19 9.64 13.52 -2.84
CA VAL A 19 10.20 12.16 -2.93
C VAL A 19 11.42 11.93 -2.05
N THR A 20 12.27 12.94 -1.92
CA THR A 20 13.49 12.84 -1.14
C THR A 20 13.32 13.30 0.31
N GLN A 21 12.26 14.06 0.57
CA GLN A 21 11.99 14.57 1.92
C GLN A 21 11.02 13.65 2.66
N GLY A 22 10.12 13.03 1.92
CA GLY A 22 9.15 12.13 2.51
C GLY A 22 8.05 12.83 3.28
N LEU A 23 8.34 13.22 4.53
CA LEU A 23 7.38 13.89 5.39
C LEU A 23 7.55 15.40 5.40
N GLY A 24 6.44 16.10 5.56
CA GLY A 24 6.47 17.55 5.63
C GLY A 24 6.68 17.91 7.09
N LYS A 25 6.74 19.19 7.40
CA LYS A 25 6.95 19.63 8.78
C LYS A 25 5.84 19.11 9.71
N ASN A 26 6.17 18.98 10.99
CA ASN A 26 5.23 18.51 11.99
C ASN A 26 4.60 17.16 11.65
N GLN A 27 5.35 16.31 10.95
CA GLN A 27 4.88 14.98 10.57
C GLN A 27 3.60 15.05 9.74
N GLY A 28 3.50 16.07 8.88
CA GLY A 28 2.33 16.22 8.04
C GLY A 28 2.57 15.59 6.68
N LEU A 29 1.55 14.95 6.13
CA LEU A 29 1.65 14.30 4.83
C LEU A 29 1.48 15.30 3.68
N PHE A 30 2.21 15.06 2.60
CA PHE A 30 2.14 15.92 1.43
C PHE A 30 0.95 15.51 0.57
N PHE A 31 0.27 16.49 0.00
CA PHE A 31 -0.90 16.24 -0.84
C PHE A 31 -0.74 16.99 -2.17
N PRO A 32 -1.09 16.35 -3.29
CA PRO A 32 -0.98 16.99 -4.61
C PRO A 32 -1.66 18.35 -4.62
N HIS A 33 -0.95 19.39 -5.06
CA HIS A 33 -1.52 20.72 -5.11
C HIS A 33 -2.58 20.78 -6.19
N ASP A 34 -2.33 20.08 -7.29
CA ASP A 34 -3.28 20.05 -8.39
C ASP A 34 -3.77 18.62 -8.60
N LEU A 35 -5.08 18.50 -8.83
CA LEU A 35 -5.69 17.20 -9.08
C LEU A 35 -6.06 17.13 -10.56
N PRO A 36 -5.12 16.68 -11.40
CA PRO A 36 -5.36 16.58 -12.83
C PRO A 36 -6.62 15.80 -13.18
N GLU A 37 -7.19 16.11 -14.34
CA GLU A 37 -8.41 15.47 -14.81
C GLU A 37 -8.34 15.14 -16.29
N PHE A 38 -8.21 13.86 -16.61
CA PHE A 38 -8.17 13.45 -18.02
C PHE A 38 -9.58 13.57 -18.57
N SER A 39 -9.69 13.67 -19.89
CA SER A 39 -11.01 13.77 -20.52
C SER A 39 -11.50 12.35 -20.77
N LEU A 40 -12.81 12.23 -20.99
CA LEU A 40 -13.41 10.93 -21.25
C LEU A 40 -12.74 10.26 -22.45
N THR A 41 -12.32 11.06 -23.43
CA THR A 41 -11.67 10.54 -24.63
C THR A 41 -10.27 10.02 -24.29
N GLU A 42 -9.52 10.82 -23.53
CA GLU A 42 -8.17 10.43 -23.13
C GLU A 42 -8.23 9.15 -22.30
N ILE A 43 -9.12 9.14 -21.32
CA ILE A 43 -9.32 7.97 -20.45
C ILE A 43 -9.60 6.76 -21.32
N ASP A 44 -10.50 6.92 -22.28
CA ASP A 44 -10.88 5.86 -23.19
C ASP A 44 -9.67 5.36 -23.97
N GLU A 45 -8.80 6.29 -24.35
CA GLU A 45 -7.60 5.94 -25.11
C GLU A 45 -6.50 5.32 -24.24
N MET A 46 -6.31 5.85 -23.04
CA MET A 46 -5.28 5.32 -22.14
C MET A 46 -5.50 3.85 -21.81
N LEU A 47 -6.76 3.46 -21.65
CA LEU A 47 -7.10 2.09 -21.32
C LEU A 47 -6.73 1.07 -22.39
N LYS A 48 -6.49 1.55 -23.62
CA LYS A 48 -6.14 0.66 -24.72
C LYS A 48 -4.62 0.47 -24.81
N LEU A 49 -3.89 1.34 -24.14
CA LEU A 49 -2.43 1.24 -24.15
C LEU A 49 -1.98 0.15 -23.19
N ASP A 50 -0.76 -0.37 -23.40
CA ASP A 50 -0.24 -1.41 -22.54
C ASP A 50 -0.09 -0.86 -21.12
N PHE A 51 0.03 -1.75 -20.14
CA PHE A 51 0.16 -1.37 -18.74
C PHE A 51 1.26 -0.34 -18.47
N VAL A 52 2.49 -0.66 -18.88
CA VAL A 52 3.62 0.24 -18.65
C VAL A 52 3.44 1.66 -19.21
N THR A 53 3.14 1.76 -20.50
CA THR A 53 2.97 3.07 -21.14
C THR A 53 1.82 3.86 -20.51
N ARG A 54 0.74 3.16 -20.18
CA ARG A 54 -0.42 3.82 -19.58
C ARG A 54 -0.04 4.41 -18.23
N SER A 55 0.64 3.63 -17.41
CA SER A 55 1.06 4.05 -16.08
C SER A 55 1.90 5.32 -16.17
N ALA A 56 2.82 5.34 -17.14
CA ALA A 56 3.71 6.48 -17.35
C ALA A 56 2.92 7.76 -17.55
N LYS A 57 1.90 7.72 -18.41
CA LYS A 57 1.08 8.88 -18.67
C LYS A 57 0.37 9.35 -17.40
N ILE A 58 -0.30 8.43 -16.73
CA ILE A 58 -1.01 8.75 -15.50
C ILE A 58 -0.10 9.49 -14.53
N LEU A 59 1.11 8.97 -14.36
CA LEU A 59 2.10 9.56 -13.47
C LEU A 59 2.58 10.92 -13.96
N SER A 60 2.78 11.04 -15.26
CA SER A 60 3.25 12.30 -15.85
C SER A 60 2.20 13.38 -15.61
N ALA A 61 0.93 12.98 -15.57
CA ALA A 61 -0.16 13.91 -15.34
C ALA A 61 0.06 14.69 -14.05
N PHE A 62 0.72 14.06 -13.08
CA PHE A 62 1.00 14.73 -11.81
C PHE A 62 2.39 15.34 -11.79
N ILE A 63 3.39 14.52 -12.06
CA ILE A 63 4.78 14.94 -12.06
C ILE A 63 5.03 16.20 -12.91
N GLY A 64 4.41 16.25 -14.08
CA GLY A 64 4.56 17.42 -14.94
C GLY A 64 5.90 17.55 -15.64
N ASP A 65 6.41 18.78 -15.69
CA ASP A 65 7.68 19.07 -16.35
C ASP A 65 8.90 18.52 -15.64
N GLU A 66 8.80 18.32 -14.32
CA GLU A 66 9.93 17.82 -13.55
C GLU A 66 10.62 16.62 -14.22
N ILE A 67 9.82 15.72 -14.79
CA ILE A 67 10.38 14.54 -15.45
C ILE A 67 9.68 14.22 -16.77
N PRO A 68 10.45 14.12 -17.86
CA PRO A 68 9.88 13.80 -19.17
C PRO A 68 9.17 12.46 -19.16
N GLN A 69 7.95 12.41 -19.68
CA GLN A 69 7.17 11.18 -19.73
C GLN A 69 7.96 10.03 -20.35
N GLU A 70 8.84 10.34 -21.28
CA GLU A 70 9.65 9.32 -21.95
C GLU A 70 10.54 8.61 -20.93
N ILE A 71 11.23 9.40 -20.11
CA ILE A 71 12.11 8.85 -19.09
C ILE A 71 11.24 8.08 -18.10
N LEU A 72 10.10 8.65 -17.76
CA LEU A 72 9.16 8.06 -16.83
C LEU A 72 8.73 6.67 -17.30
N GLU A 73 8.65 6.48 -18.61
CA GLU A 73 8.26 5.19 -19.17
C GLU A 73 9.33 4.14 -18.88
N GLU A 74 10.59 4.55 -19.03
CA GLU A 74 11.72 3.66 -18.79
C GLU A 74 11.79 3.23 -17.33
N ARG A 75 11.62 4.18 -16.42
CA ARG A 75 11.67 3.88 -14.99
C ARG A 75 10.52 2.98 -14.56
N VAL A 76 9.34 3.22 -15.12
CA VAL A 76 8.16 2.43 -14.80
C VAL A 76 8.30 1.03 -15.37
N ARG A 77 8.83 0.94 -16.58
CA ARG A 77 9.02 -0.36 -17.23
C ARG A 77 9.98 -1.21 -16.39
N ALA A 78 10.90 -0.54 -15.70
CA ALA A 78 11.88 -1.23 -14.86
C ALA A 78 11.22 -1.70 -13.56
N ALA A 79 10.38 -0.84 -12.98
CA ALA A 79 9.70 -1.14 -11.73
C ALA A 79 8.56 -2.14 -11.91
N PHE A 80 7.62 -1.83 -12.79
CA PHE A 80 6.47 -2.72 -13.04
C PHE A 80 6.87 -3.89 -13.92
N ALA A 81 7.78 -4.73 -13.43
CA ALA A 81 8.24 -5.89 -14.19
C ALA A 81 7.32 -7.10 -14.02
N PHE A 82 6.06 -6.82 -13.68
CA PHE A 82 5.09 -7.90 -13.47
C PHE A 82 3.68 -7.39 -13.71
N PRO A 83 2.76 -8.28 -14.08
CA PRO A 83 1.37 -7.91 -14.33
C PRO A 83 0.51 -7.73 -13.07
N ALA A 84 -0.72 -7.29 -13.31
CA ALA A 84 -1.72 -7.07 -12.26
C ALA A 84 -3.02 -7.57 -12.89
N PRO A 85 -3.09 -8.89 -13.14
CA PRO A 85 -4.26 -9.53 -13.74
C PRO A 85 -5.51 -9.62 -12.88
N VAL A 86 -6.66 -9.56 -13.54
CA VAL A 86 -7.95 -9.67 -12.87
C VAL A 86 -8.40 -11.11 -13.05
N ALA A 87 -8.73 -11.77 -11.95
CA ALA A 87 -9.18 -13.15 -12.01
C ALA A 87 -10.68 -13.22 -11.76
N ASN A 88 -11.39 -13.92 -12.64
CA ASN A 88 -12.83 -14.06 -12.51
C ASN A 88 -13.17 -15.00 -11.36
N VAL A 89 -13.77 -14.46 -10.31
CA VAL A 89 -14.16 -15.27 -9.16
C VAL A 89 -15.59 -15.73 -9.38
N GLU A 90 -16.47 -14.77 -9.69
CA GLU A 90 -17.87 -15.07 -9.95
C GLU A 90 -18.29 -14.34 -11.23
N SER A 91 -19.52 -14.58 -11.68
CA SER A 91 -20.00 -13.96 -12.90
C SER A 91 -20.08 -12.44 -12.73
N ASP A 92 -20.20 -11.97 -11.49
CA ASP A 92 -20.29 -10.55 -11.21
C ASP A 92 -19.22 -10.06 -10.25
N VAL A 93 -18.13 -10.83 -10.13
CA VAL A 93 -17.05 -10.46 -9.23
C VAL A 93 -15.67 -10.84 -9.77
N GLY A 94 -14.74 -9.90 -9.66
CA GLY A 94 -13.39 -10.15 -10.13
C GLY A 94 -12.40 -9.80 -9.03
N CYS A 95 -11.24 -10.45 -9.06
CA CYS A 95 -10.21 -10.18 -8.06
C CYS A 95 -8.96 -9.63 -8.73
N LEU A 96 -8.62 -8.39 -8.39
CA LEU A 96 -7.44 -7.74 -8.93
C LEU A 96 -6.21 -8.27 -8.19
N GLU A 97 -5.58 -9.28 -8.77
CA GLU A 97 -4.40 -9.91 -8.17
C GLU A 97 -3.17 -9.01 -8.24
N LEU A 98 -2.77 -8.49 -7.08
CA LEU A 98 -1.62 -7.60 -6.99
C LEU A 98 -0.41 -8.26 -6.32
N PHE A 99 -0.31 -9.58 -6.42
CA PHE A 99 0.79 -10.29 -5.80
C PHE A 99 1.72 -11.03 -6.77
N HIS A 100 1.74 -10.57 -8.01
CA HIS A 100 2.60 -11.19 -9.01
C HIS A 100 3.98 -10.53 -9.05
N GLY A 101 4.31 -9.78 -8.00
CA GLY A 101 5.59 -9.12 -7.93
C GLY A 101 6.61 -9.96 -7.17
N PRO A 102 7.83 -9.48 -6.97
CA PRO A 102 8.88 -10.21 -6.25
C PRO A 102 8.65 -10.48 -4.76
N THR A 103 7.70 -9.78 -4.13
CA THR A 103 7.42 -10.01 -2.71
C THR A 103 5.98 -10.45 -2.47
N LEU A 104 5.30 -10.78 -3.56
CA LEU A 104 3.91 -11.26 -3.52
C LEU A 104 2.89 -10.35 -2.85
N ALA A 105 3.12 -9.04 -2.91
CA ALA A 105 2.20 -8.06 -2.33
C ALA A 105 2.17 -6.82 -3.20
N PHE A 106 1.06 -6.09 -3.19
CA PHE A 106 0.93 -4.89 -4.01
C PHE A 106 1.93 -3.80 -3.68
N LYS A 107 2.61 -3.92 -2.54
CA LYS A 107 3.59 -2.94 -2.14
C LYS A 107 4.75 -2.93 -3.12
N ASP A 108 4.84 -3.98 -3.92
CA ASP A 108 5.88 -4.10 -4.93
C ASP A 108 5.85 -2.94 -5.93
N PHE A 109 4.66 -2.60 -6.41
CA PHE A 109 4.50 -1.53 -7.39
C PHE A 109 5.07 -0.19 -6.92
N GLY A 110 4.56 0.31 -5.80
CA GLY A 110 5.03 1.59 -5.28
C GLY A 110 6.43 1.49 -4.71
N GLY A 111 6.77 0.32 -4.16
CA GLY A 111 8.09 0.13 -3.59
C GLY A 111 9.17 0.25 -4.65
N ARG A 112 9.02 -0.51 -5.73
CA ARG A 112 9.99 -0.49 -6.82
C ARG A 112 9.98 0.85 -7.55
N PHE A 113 8.79 1.42 -7.74
CA PHE A 113 8.66 2.70 -8.42
C PHE A 113 9.44 3.79 -7.67
N MET A 114 9.29 3.82 -6.36
CA MET A 114 10.00 4.81 -5.56
C MET A 114 11.51 4.63 -5.71
N ALA A 115 11.96 3.38 -5.70
CA ALA A 115 13.38 3.10 -5.85
C ALA A 115 13.86 3.75 -7.14
N GLN A 116 13.07 3.60 -8.20
CA GLN A 116 13.42 4.18 -9.49
C GLN A 116 13.46 5.70 -9.44
N MET A 117 12.45 6.31 -8.83
CA MET A 117 12.41 7.76 -8.74
C MET A 117 13.56 8.32 -7.92
N LEU A 118 13.78 7.77 -6.73
CA LEU A 118 14.84 8.20 -5.86
C LEU A 118 16.22 8.16 -6.54
N THR A 119 16.51 7.04 -7.20
CA THR A 119 17.80 6.90 -7.88
C THR A 119 17.90 7.85 -9.07
N HIS A 120 16.75 8.18 -9.64
CA HIS A 120 16.71 9.09 -10.79
C HIS A 120 16.83 10.53 -10.31
N ILE A 121 16.10 10.84 -9.24
CA ILE A 121 16.07 12.19 -8.68
C ILE A 121 17.33 12.52 -7.88
N ALA A 122 17.64 11.69 -6.89
CA ALA A 122 18.80 11.92 -6.03
C ALA A 122 20.07 11.19 -6.47
N GLY A 123 19.95 10.26 -7.41
CA GLY A 123 21.11 9.55 -7.88
C GLY A 123 21.72 8.62 -6.84
N ASP A 124 23.00 8.83 -6.53
CA ASP A 124 23.68 8.00 -5.54
C ASP A 124 23.84 8.70 -4.19
N LYS A 125 23.00 9.68 -3.93
CA LYS A 125 23.06 10.41 -2.66
C LYS A 125 22.78 9.47 -1.50
N PRO A 126 23.65 9.45 -0.48
CA PRO A 126 23.49 8.60 0.70
C PRO A 126 22.10 8.79 1.31
N VAL A 127 21.36 7.70 1.48
CA VAL A 127 20.02 7.81 2.04
C VAL A 127 19.66 6.65 2.97
N THR A 128 19.00 6.97 4.08
CA THR A 128 18.57 5.97 5.05
C THR A 128 17.05 5.91 5.00
N ILE A 129 16.53 4.79 4.51
CA ILE A 129 15.09 4.61 4.39
C ILE A 129 14.48 3.89 5.59
N LEU A 130 13.85 4.65 6.47
CA LEU A 130 13.20 4.11 7.67
C LEU A 130 11.74 3.86 7.35
N THR A 131 11.33 2.59 7.35
CA THR A 131 9.96 2.24 7.05
C THR A 131 9.32 1.36 8.12
N ALA A 132 8.04 1.60 8.38
CA ALA A 132 7.28 0.81 9.36
C ALA A 132 6.42 -0.15 8.55
N THR A 133 6.32 -1.39 9.01
CA THR A 133 5.54 -2.38 8.30
C THR A 133 4.73 -3.27 9.21
N SER A 134 3.63 -3.80 8.67
CA SER A 134 2.75 -4.69 9.40
C SER A 134 2.80 -6.04 8.70
N GLY A 135 3.76 -6.21 7.80
CA GLY A 135 3.91 -7.47 7.10
C GLY A 135 4.45 -7.45 5.69
N ASP A 136 3.80 -6.70 4.79
CA ASP A 136 4.23 -6.67 3.40
C ASP A 136 5.14 -5.55 2.94
N THR A 137 4.80 -4.30 3.27
CA THR A 137 5.61 -3.16 2.87
C THR A 137 7.09 -3.36 3.15
N GLY A 138 7.38 -3.91 4.33
CA GLY A 138 8.77 -4.16 4.70
C GLY A 138 9.49 -4.98 3.65
N ALA A 139 8.86 -6.05 3.17
CA ALA A 139 9.45 -6.91 2.16
C ALA A 139 9.63 -6.21 0.81
N ALA A 140 8.60 -5.48 0.39
CA ALA A 140 8.63 -4.77 -0.88
C ALA A 140 9.74 -3.72 -0.90
N VAL A 141 9.92 -3.03 0.23
CA VAL A 141 10.95 -2.00 0.31
C VAL A 141 12.34 -2.61 0.45
N ALA A 142 12.46 -3.63 1.31
CA ALA A 142 13.74 -4.30 1.52
C ALA A 142 14.30 -4.84 0.21
N HIS A 143 13.43 -5.45 -0.59
CA HIS A 143 13.86 -5.99 -1.87
C HIS A 143 14.10 -4.92 -2.92
N ALA A 144 13.25 -3.90 -2.93
CA ALA A 144 13.38 -2.82 -3.90
C ALA A 144 14.69 -2.05 -3.74
N PHE A 145 15.11 -1.85 -2.50
CA PHE A 145 16.34 -1.11 -2.24
C PHE A 145 17.55 -1.97 -1.83
N TYR A 146 17.47 -3.28 -2.03
CA TYR A 146 18.57 -4.15 -1.66
C TYR A 146 19.75 -4.01 -2.62
N GLY A 147 20.96 -3.93 -2.06
CA GLY A 147 22.14 -3.82 -2.88
C GLY A 147 22.54 -2.42 -3.30
N LEU A 148 21.61 -1.48 -3.23
CA LEU A 148 21.90 -0.10 -3.61
C LEU A 148 22.98 0.46 -2.69
N PRO A 149 24.22 0.55 -3.19
CA PRO A 149 25.39 1.06 -2.46
C PRO A 149 25.16 2.31 -1.61
N ASN A 150 24.38 3.26 -2.13
CA ASN A 150 24.13 4.50 -1.41
C ASN A 150 22.93 4.39 -0.46
N VAL A 151 22.25 3.25 -0.50
CA VAL A 151 21.07 3.07 0.33
C VAL A 151 21.21 2.08 1.48
N LYS A 152 20.62 2.43 2.61
CA LYS A 152 20.59 1.59 3.80
C LYS A 152 19.16 1.66 4.32
N VAL A 153 18.53 0.52 4.51
CA VAL A 153 17.15 0.50 4.97
C VAL A 153 16.96 -0.05 6.38
N VAL A 154 16.01 0.53 7.10
CA VAL A 154 15.69 0.12 8.46
C VAL A 154 14.18 -0.05 8.53
N ILE A 155 13.74 -1.29 8.72
CA ILE A 155 12.33 -1.60 8.79
C ILE A 155 11.89 -1.89 10.22
N LEU A 156 10.80 -1.26 10.64
CA LEU A 156 10.26 -1.46 11.98
C LEU A 156 8.94 -2.21 11.83
N TYR A 157 8.72 -3.21 12.68
CA TYR A 157 7.49 -3.98 12.63
C TYR A 157 7.14 -4.53 14.02
N PRO A 158 5.84 -4.73 14.28
CA PRO A 158 5.38 -5.25 15.57
C PRO A 158 5.83 -6.69 15.78
N ARG A 159 6.65 -6.92 16.79
CA ARG A 159 7.15 -8.26 17.06
C ARG A 159 6.00 -9.25 17.25
N GLY A 160 6.13 -10.41 16.62
CA GLY A 160 5.11 -11.44 16.72
C GLY A 160 3.76 -11.06 16.14
N LYS A 161 3.66 -9.88 15.53
CA LYS A 161 2.40 -9.43 14.97
C LYS A 161 2.24 -9.59 13.46
N ILE A 162 3.26 -10.15 12.80
CA ILE A 162 3.19 -10.39 11.36
C ILE A 162 3.33 -11.89 11.17
N SER A 163 3.03 -12.39 9.96
CA SER A 163 3.13 -13.83 9.71
C SER A 163 4.58 -14.28 9.61
N PRO A 164 4.85 -15.55 9.96
CA PRO A 164 6.21 -16.12 9.91
C PRO A 164 6.87 -15.90 8.56
N LEU A 165 6.15 -16.23 7.50
CA LEU A 165 6.67 -16.08 6.15
C LEU A 165 6.93 -14.63 5.77
N GLN A 166 6.06 -13.72 6.20
CA GLN A 166 6.23 -12.30 5.91
C GLN A 166 7.55 -11.85 6.53
N GLU A 167 7.79 -12.30 7.77
CA GLU A 167 9.00 -11.95 8.49
C GLU A 167 10.23 -12.50 7.77
N LYS A 168 10.18 -13.80 7.43
CA LYS A 168 11.29 -14.44 6.74
C LYS A 168 11.61 -13.77 5.41
N LEU A 169 10.59 -13.22 4.75
CA LEU A 169 10.78 -12.58 3.46
C LEU A 169 11.68 -11.34 3.48
N PHE A 170 11.72 -10.63 4.61
CA PHE A 170 12.55 -9.43 4.66
C PHE A 170 13.45 -9.29 5.90
N CYS A 171 13.42 -10.27 6.79
CA CYS A 171 14.25 -10.21 7.98
C CYS A 171 15.42 -11.20 7.92
N THR A 172 15.62 -11.79 6.74
CA THR A 172 16.69 -12.76 6.54
C THR A 172 17.59 -12.34 5.38
N LEU A 173 17.59 -11.04 5.09
CA LEU A 173 18.39 -10.50 3.99
C LEU A 173 19.77 -10.06 4.46
N GLY A 174 19.79 -9.20 5.47
CA GLY A 174 21.05 -8.70 5.97
C GLY A 174 21.70 -7.75 4.99
N GLY A 175 23.01 -7.56 5.12
CA GLY A 175 23.73 -6.68 4.23
C GLY A 175 23.23 -5.24 4.32
N ASN A 176 22.51 -4.82 3.29
CA ASN A 176 21.96 -3.48 3.21
C ASN A 176 20.71 -3.35 4.09
N ILE A 177 20.12 -4.49 4.45
CA ILE A 177 18.91 -4.50 5.26
C ILE A 177 19.11 -4.61 6.76
N GLU A 178 18.32 -3.83 7.50
CA GLU A 178 18.36 -3.84 8.96
C GLU A 178 16.92 -3.90 9.41
N THR A 179 16.59 -4.92 10.21
CA THR A 179 15.21 -5.08 10.68
C THR A 179 15.09 -4.95 12.20
N VAL A 180 13.97 -4.38 12.65
CA VAL A 180 13.74 -4.18 14.06
C VAL A 180 12.35 -4.65 14.51
N ALA A 181 12.32 -5.57 15.47
CA ALA A 181 11.08 -6.09 16.00
C ALA A 181 10.68 -5.25 17.21
N ILE A 182 9.72 -4.35 17.02
CA ILE A 182 9.25 -3.47 18.09
C ILE A 182 8.25 -4.12 19.03
N ASP A 183 8.41 -3.86 20.32
CA ASP A 183 7.51 -4.41 21.32
C ASP A 183 6.26 -3.55 21.38
N GLY A 184 5.41 -3.69 20.35
CA GLY A 184 4.18 -2.93 20.25
C GLY A 184 3.48 -3.28 18.95
N ASP A 185 2.45 -2.54 18.59
CA ASP A 185 1.72 -2.80 17.35
C ASP A 185 2.22 -1.93 16.19
N PHE A 186 1.58 -2.08 15.02
CA PHE A 186 1.98 -1.30 13.86
C PHE A 186 1.94 0.21 14.10
N ASP A 187 0.83 0.69 14.63
CA ASP A 187 0.67 2.11 14.91
C ASP A 187 1.88 2.69 15.64
N ALA A 188 2.33 2.03 16.69
CA ALA A 188 3.50 2.51 17.44
C ALA A 188 4.72 2.53 16.52
N CYS A 189 4.80 1.56 15.62
CA CYS A 189 5.92 1.49 14.68
C CYS A 189 5.92 2.67 13.74
N GLN A 190 4.75 3.01 13.20
CA GLN A 190 4.64 4.13 12.28
C GLN A 190 4.87 5.46 13.00
N ALA A 191 4.47 5.53 14.27
CA ALA A 191 4.67 6.73 15.05
C ALA A 191 6.14 6.98 15.30
N LEU A 192 6.91 5.90 15.48
CA LEU A 192 8.34 6.02 15.70
C LEU A 192 9.04 6.51 14.45
N VAL A 193 8.60 6.02 13.30
CA VAL A 193 9.17 6.43 12.02
C VAL A 193 8.95 7.92 11.83
N LYS A 194 7.70 8.34 11.98
CA LYS A 194 7.33 9.74 11.84
C LYS A 194 8.09 10.62 12.82
N GLN A 195 8.19 10.14 14.06
CA GLN A 195 8.89 10.88 15.10
C GLN A 195 10.34 11.15 14.70
N ALA A 196 10.93 10.22 13.93
CA ALA A 196 12.31 10.37 13.49
C ALA A 196 12.51 11.59 12.60
N PHE A 197 11.44 12.07 11.97
CA PHE A 197 11.56 13.23 11.09
C PHE A 197 11.57 14.56 11.84
N ASP A 198 11.29 14.53 13.13
CA ASP A 198 11.31 15.76 13.93
C ASP A 198 12.71 15.93 14.50
N ASP A 199 13.54 14.90 14.33
CA ASP A 199 14.91 14.92 14.83
C ASP A 199 15.81 15.43 13.71
N GLU A 200 15.95 16.74 13.62
CA GLU A 200 16.77 17.37 12.59
C GLU A 200 18.18 16.78 12.59
N GLU A 201 18.72 16.56 13.78
CA GLU A 201 20.06 16.01 13.95
C GLU A 201 20.14 14.65 13.26
N LEU A 202 19.16 13.80 13.53
CA LEU A 202 19.12 12.46 12.97
C LEU A 202 18.91 12.49 11.45
N LYS A 203 17.91 13.24 11.00
CA LYS A 203 17.61 13.35 9.57
C LYS A 203 18.87 13.66 8.75
N VAL A 204 19.54 14.74 9.12
CA VAL A 204 20.75 15.17 8.42
C VAL A 204 21.88 14.15 8.50
N ALA A 205 22.07 13.57 9.68
CA ALA A 205 23.12 12.59 9.89
C ALA A 205 22.96 11.34 9.04
N LEU A 206 21.75 10.80 8.98
CA LEU A 206 21.49 9.59 8.22
C LEU A 206 20.82 9.80 6.86
N GLY A 207 20.47 11.04 6.54
CA GLY A 207 19.80 11.28 5.27
C GLY A 207 18.48 10.53 5.27
N LEU A 208 17.70 10.78 6.31
CA LEU A 208 16.41 10.13 6.52
C LEU A 208 15.37 10.31 5.42
N ASN A 209 14.57 9.27 5.23
CA ASN A 209 13.50 9.26 4.24
C ASN A 209 12.67 8.01 4.54
N SER A 210 11.44 7.96 4.05
CA SER A 210 10.58 6.81 4.30
C SER A 210 9.98 6.24 3.02
N ALA A 211 9.82 4.92 3.00
CA ALA A 211 9.26 4.24 1.84
C ALA A 211 7.80 3.87 2.08
N ASN A 212 7.25 4.28 3.22
CA ASN A 212 5.86 4.00 3.51
C ASN A 212 5.03 4.81 2.53
N SER A 213 3.72 4.61 2.53
CA SER A 213 2.84 5.36 1.63
C SER A 213 3.00 6.85 1.90
N ILE A 214 3.70 7.18 2.99
CA ILE A 214 3.97 8.55 3.37
C ILE A 214 4.60 9.28 2.18
N ASN A 215 5.46 8.56 1.47
CA ASN A 215 6.17 9.11 0.31
C ASN A 215 5.22 9.20 -0.88
N ILE A 216 5.09 10.42 -1.41
CA ILE A 216 4.21 10.68 -2.55
C ILE A 216 4.43 9.71 -3.71
N SER A 217 5.65 9.21 -3.86
CA SER A 217 5.96 8.29 -4.95
C SER A 217 5.23 6.95 -4.75
N ARG A 218 5.03 6.57 -3.49
CA ARG A 218 4.32 5.33 -3.16
C ARG A 218 2.85 5.48 -3.55
N LEU A 219 2.26 6.57 -3.08
CA LEU A 219 0.86 6.87 -3.33
C LEU A 219 0.52 6.84 -4.81
N LEU A 220 1.22 7.66 -5.59
CA LEU A 220 0.98 7.77 -7.02
C LEU A 220 1.08 6.46 -7.81
N ALA A 221 2.13 5.69 -7.58
CA ALA A 221 2.32 4.43 -8.29
C ALA A 221 1.13 3.49 -8.14
N GLN A 222 0.52 3.49 -6.96
CA GLN A 222 -0.61 2.61 -6.68
C GLN A 222 -1.88 2.98 -7.44
N ILE A 223 -1.90 4.17 -8.03
CA ILE A 223 -3.04 4.63 -8.82
C ILE A 223 -3.09 3.84 -10.12
N CYS A 224 -1.92 3.41 -10.57
CA CYS A 224 -1.76 2.68 -11.82
C CYS A 224 -2.43 1.33 -11.98
N TYR A 225 -2.47 0.50 -10.93
CA TYR A 225 -3.09 -0.80 -11.10
C TYR A 225 -4.61 -0.75 -11.14
N TYR A 226 -5.20 0.37 -10.76
CA TYR A 226 -6.65 0.51 -10.82
C TYR A 226 -7.04 0.62 -12.29
N PHE A 227 -6.32 1.45 -13.04
CA PHE A 227 -6.59 1.62 -14.46
C PHE A 227 -6.39 0.27 -15.16
N GLU A 228 -5.29 -0.39 -14.84
CA GLU A 228 -4.96 -1.68 -15.44
C GLU A 228 -6.08 -2.69 -15.21
N ALA A 229 -6.74 -2.59 -14.06
CA ALA A 229 -7.84 -3.48 -13.72
C ALA A 229 -9.00 -3.24 -14.67
N VAL A 230 -9.44 -1.98 -14.75
CA VAL A 230 -10.54 -1.59 -15.60
C VAL A 230 -10.27 -1.97 -17.07
N ALA A 231 -9.03 -1.79 -17.50
CA ALA A 231 -8.65 -2.10 -18.88
C ALA A 231 -8.82 -3.58 -19.22
N GLN A 232 -8.93 -4.43 -18.21
CA GLN A 232 -9.11 -5.85 -18.44
C GLN A 232 -10.58 -6.25 -18.45
N LEU A 233 -11.43 -5.35 -17.98
CA LEU A 233 -12.86 -5.61 -17.91
C LEU A 233 -13.56 -5.18 -19.21
N PRO A 234 -14.66 -5.85 -19.57
CA PRO A 234 -15.39 -5.50 -20.79
C PRO A 234 -16.16 -4.19 -20.62
N GLN A 235 -16.31 -3.46 -21.71
CA GLN A 235 -17.04 -2.18 -21.71
C GLN A 235 -18.36 -2.26 -20.95
N GLU A 236 -19.03 -3.40 -21.06
CA GLU A 236 -20.32 -3.63 -20.42
C GLU A 236 -20.35 -3.20 -18.95
N THR A 237 -19.33 -3.60 -18.20
CA THR A 237 -19.26 -3.29 -16.77
C THR A 237 -18.57 -1.98 -16.41
N ARG A 238 -17.83 -1.43 -17.37
CA ARG A 238 -17.08 -0.19 -17.15
C ARG A 238 -17.83 0.97 -16.47
N ASN A 239 -19.16 0.93 -16.51
CA ASN A 239 -19.96 2.00 -15.91
C ASN A 239 -20.70 1.56 -14.64
N GLN A 240 -20.56 0.29 -14.28
CA GLN A 240 -21.22 -0.27 -13.10
C GLN A 240 -20.18 -0.93 -12.17
N LEU A 241 -18.99 -0.35 -12.11
CA LEU A 241 -17.90 -0.90 -11.31
C LEU A 241 -17.88 -0.52 -9.83
N VAL A 242 -17.76 -1.54 -8.99
CA VAL A 242 -17.68 -1.36 -7.54
C VAL A 242 -16.38 -2.01 -7.07
N VAL A 243 -15.50 -1.23 -6.46
CA VAL A 243 -14.22 -1.73 -5.99
C VAL A 243 -14.07 -1.79 -4.47
N SER A 244 -13.88 -3.00 -3.95
CA SER A 244 -13.72 -3.18 -2.52
C SER A 244 -12.23 -3.28 -2.20
N VAL A 245 -11.75 -2.44 -1.29
CA VAL A 245 -10.34 -2.44 -0.93
C VAL A 245 -10.08 -2.78 0.53
N PRO A 246 -9.38 -3.90 0.79
CA PRO A 246 -9.09 -4.29 2.18
C PRO A 246 -8.17 -3.21 2.73
N SER A 247 -8.68 -2.42 3.67
CA SER A 247 -7.90 -1.32 4.23
C SER A 247 -7.40 -1.45 5.66
N GLY A 248 -6.20 -0.92 5.86
CA GLY A 248 -5.58 -0.92 7.17
C GLY A 248 -5.07 0.49 7.42
N ASN A 249 -4.02 0.88 6.70
CA ASN A 249 -3.45 2.20 6.82
C ASN A 249 -4.07 3.13 5.76
N PHE A 250 -4.92 2.53 4.92
CA PHE A 250 -5.65 3.23 3.86
C PHE A 250 -4.92 3.90 2.71
N GLY A 251 -3.68 3.50 2.44
CA GLY A 251 -2.96 4.11 1.34
C GLY A 251 -3.46 3.57 0.01
N ASP A 252 -3.95 2.34 0.02
CA ASP A 252 -4.46 1.68 -1.17
C ASP A 252 -5.76 2.35 -1.63
N LEU A 253 -6.72 2.49 -0.71
CA LEU A 253 -7.99 3.12 -1.04
C LEU A 253 -7.75 4.54 -1.52
N THR A 254 -6.84 5.25 -0.84
CA THR A 254 -6.50 6.62 -1.20
C THR A 254 -6.10 6.71 -2.66
N ALA A 255 -5.30 5.74 -3.11
CA ALA A 255 -4.84 5.70 -4.49
C ALA A 255 -6.00 5.36 -5.42
N GLY A 256 -6.99 4.66 -4.89
CA GLY A 256 -8.14 4.29 -5.69
C GLY A 256 -8.96 5.52 -6.01
N LEU A 257 -9.17 6.36 -5.00
CA LEU A 257 -9.94 7.58 -5.19
C LEU A 257 -9.21 8.50 -6.17
N LEU A 258 -7.90 8.63 -6.01
CA LEU A 258 -7.11 9.49 -6.89
C LEU A 258 -7.26 9.06 -8.34
N ALA A 259 -7.37 7.75 -8.56
CA ALA A 259 -7.54 7.22 -9.91
C ALA A 259 -8.88 7.73 -10.46
N LYS A 260 -9.89 7.74 -9.59
CA LYS A 260 -11.21 8.19 -9.99
C LYS A 260 -11.20 9.70 -10.24
N SER A 261 -10.50 10.43 -9.38
CA SER A 261 -10.41 11.88 -9.53
C SER A 261 -9.74 12.21 -10.86
N LEU A 262 -9.00 11.24 -11.40
CA LEU A 262 -8.31 11.43 -12.67
C LEU A 262 -9.28 11.24 -13.84
N GLY A 263 -10.39 10.58 -13.57
CA GLY A 263 -11.37 10.34 -14.60
C GLY A 263 -11.75 8.88 -14.78
N LEU A 264 -11.04 8.00 -14.08
CA LEU A 264 -11.33 6.57 -14.17
C LEU A 264 -12.73 6.31 -13.62
N PRO A 265 -13.62 5.74 -14.44
CA PRO A 265 -14.99 5.44 -14.01
C PRO A 265 -15.10 4.37 -12.94
N VAL A 266 -15.53 4.79 -11.75
CA VAL A 266 -15.71 3.88 -10.62
C VAL A 266 -16.99 4.28 -9.91
N LYS A 267 -18.02 3.46 -10.05
CA LYS A 267 -19.31 3.73 -9.44
C LYS A 267 -19.24 3.93 -7.94
N ARG A 268 -18.61 2.99 -7.24
CA ARG A 268 -18.51 3.09 -5.78
C ARG A 268 -17.33 2.31 -5.20
N PHE A 269 -16.76 2.86 -4.12
CA PHE A 269 -15.63 2.23 -3.43
C PHE A 269 -16.11 1.73 -2.08
N ILE A 270 -15.55 0.62 -1.62
CA ILE A 270 -15.90 0.07 -0.32
C ILE A 270 -14.64 -0.08 0.52
N ALA A 271 -14.66 0.46 1.72
CA ALA A 271 -13.53 0.36 2.63
C ALA A 271 -13.76 -0.80 3.59
N ALA A 272 -13.19 -1.95 3.27
CA ALA A 272 -13.34 -3.15 4.08
C ALA A 272 -12.17 -3.31 5.05
N THR A 273 -12.46 -3.27 6.35
CA THR A 273 -11.43 -3.43 7.38
C THR A 273 -11.79 -4.59 8.29
N ASN A 274 -10.90 -4.96 9.20
CA ASN A 274 -11.17 -6.05 10.12
C ASN A 274 -11.78 -5.44 11.40
N VAL A 275 -11.58 -6.09 12.55
CA VAL A 275 -12.13 -5.55 13.79
C VAL A 275 -11.59 -4.16 14.10
N ASN A 276 -10.41 -3.85 13.59
CA ASN A 276 -9.82 -2.52 13.80
C ASN A 276 -10.60 -1.58 12.87
N ASP A 277 -11.84 -1.31 13.26
CA ASP A 277 -12.76 -0.48 12.48
C ASP A 277 -12.86 0.99 12.88
N THR A 278 -11.72 1.67 12.92
CA THR A 278 -11.74 3.09 13.28
C THR A 278 -12.48 3.88 12.22
N VAL A 279 -12.22 3.56 10.95
CA VAL A 279 -12.86 4.25 9.84
C VAL A 279 -14.34 3.89 9.71
N PRO A 280 -14.66 2.59 9.62
CA PRO A 280 -16.06 2.18 9.50
C PRO A 280 -16.94 2.84 10.55
N ARG A 281 -16.51 2.79 11.81
CA ARG A 281 -17.27 3.40 12.90
C ARG A 281 -17.36 4.91 12.72
N PHE A 282 -16.33 5.50 12.14
CA PHE A 282 -16.31 6.94 11.92
C PHE A 282 -17.34 7.31 10.86
N LEU A 283 -17.31 6.60 9.73
CA LEU A 283 -18.24 6.85 8.64
C LEU A 283 -19.69 6.61 9.05
N HIS A 284 -19.88 6.03 10.23
CA HIS A 284 -21.23 5.74 10.71
C HIS A 284 -21.81 6.83 11.61
N ASP A 285 -21.02 7.33 12.55
CA ASP A 285 -21.50 8.35 13.47
C ASP A 285 -20.68 9.63 13.46
N GLY A 286 -19.70 9.71 12.56
CA GLY A 286 -18.87 10.90 12.47
C GLY A 286 -17.94 11.15 13.64
N GLN A 287 -17.84 10.18 14.55
CA GLN A 287 -16.96 10.31 15.70
C GLN A 287 -15.66 9.54 15.48
N TRP A 288 -14.53 10.22 15.59
CA TRP A 288 -13.24 9.58 15.40
C TRP A 288 -12.68 9.11 16.73
N SER A 289 -12.78 7.80 16.97
CA SER A 289 -12.30 7.20 18.21
C SER A 289 -11.66 5.84 17.95
N PRO A 290 -10.34 5.82 17.74
CA PRO A 290 -9.61 4.57 17.48
C PRO A 290 -9.49 3.71 18.73
N LYS A 291 -9.77 2.42 18.58
CA LYS A 291 -9.67 1.48 19.69
C LYS A 291 -8.27 0.89 19.68
N ALA A 292 -7.86 0.28 20.79
CA ALA A 292 -6.54 -0.32 20.86
C ALA A 292 -6.49 -1.37 19.77
N THR A 293 -5.35 -1.47 19.10
CA THR A 293 -5.20 -2.42 18.00
C THR A 293 -5.42 -3.86 18.47
N GLN A 294 -6.01 -4.67 17.60
CA GLN A 294 -6.27 -6.06 17.91
C GLN A 294 -5.69 -6.94 16.80
N ALA A 295 -4.86 -7.89 17.20
CA ALA A 295 -4.22 -8.80 16.24
C ALA A 295 -5.28 -9.73 15.65
N THR A 296 -5.28 -9.85 14.32
CA THR A 296 -6.25 -10.70 13.65
C THR A 296 -5.59 -11.61 12.61
N LEU A 297 -6.40 -12.21 11.74
CA LEU A 297 -5.90 -13.08 10.69
C LEU A 297 -5.30 -12.23 9.57
N SER A 298 -5.83 -11.01 9.44
CA SER A 298 -5.36 -10.07 8.43
C SER A 298 -4.47 -9.04 9.14
N ASN A 299 -3.35 -9.53 9.67
CA ASN A 299 -2.40 -8.72 10.41
C ASN A 299 -1.91 -7.47 9.71
N ALA A 300 -1.74 -7.53 8.39
CA ALA A 300 -1.26 -6.36 7.66
C ALA A 300 -2.29 -5.24 7.78
N MET A 301 -3.50 -5.59 8.19
CA MET A 301 -4.58 -4.62 8.35
C MET A 301 -4.90 -4.30 9.81
N ASP A 302 -4.00 -4.67 10.72
CA ASP A 302 -4.22 -4.38 12.12
C ASP A 302 -3.71 -2.98 12.43
N VAL A 303 -4.41 -1.99 11.88
CA VAL A 303 -4.09 -0.58 12.04
C VAL A 303 -5.29 0.09 12.68
N SER A 304 -5.07 0.83 13.76
CA SER A 304 -6.17 1.53 14.45
C SER A 304 -6.16 3.00 14.08
N GLN A 305 -5.02 3.47 13.59
CA GLN A 305 -4.88 4.87 13.21
C GLN A 305 -4.35 5.02 11.79
N PRO A 306 -5.22 4.86 10.78
CA PRO A 306 -4.80 4.99 9.38
C PRO A 306 -4.18 6.36 9.13
N ASN A 307 -2.87 6.36 8.87
CA ASN A 307 -2.12 7.58 8.62
C ASN A 307 -2.56 8.31 7.36
N ASN A 308 -3.10 7.56 6.38
CA ASN A 308 -3.53 8.15 5.12
C ASN A 308 -4.98 8.65 5.10
N TRP A 309 -5.70 8.48 6.20
CA TRP A 309 -7.08 8.93 6.24
C TRP A 309 -7.20 10.43 5.93
N PRO A 310 -6.29 11.24 6.48
CA PRO A 310 -6.37 12.69 6.21
C PRO A 310 -6.29 12.99 4.72
N ARG A 311 -5.57 12.17 3.96
CA ARG A 311 -5.44 12.37 2.53
C ARG A 311 -6.76 12.06 1.84
N VAL A 312 -7.54 11.15 2.43
CA VAL A 312 -8.83 10.78 1.85
C VAL A 312 -9.82 11.91 2.10
N GLU A 313 -9.79 12.47 3.31
CA GLU A 313 -10.68 13.56 3.67
C GLU A 313 -10.42 14.79 2.81
N GLU A 314 -9.15 15.07 2.52
CA GLU A 314 -8.78 16.21 1.70
C GLU A 314 -9.26 16.04 0.26
N LEU A 315 -9.18 14.82 -0.25
CA LEU A 315 -9.60 14.53 -1.62
C LEU A 315 -11.11 14.68 -1.78
N PHE A 316 -11.86 14.21 -0.78
CA PHE A 316 -13.32 14.31 -0.84
C PHE A 316 -13.70 15.78 -0.72
N ARG A 317 -12.97 16.49 0.15
CA ARG A 317 -13.20 17.90 0.39
C ARG A 317 -13.00 18.71 -0.88
N ARG A 318 -11.81 18.58 -1.48
CA ARG A 318 -11.49 19.32 -2.69
C ARG A 318 -12.30 18.88 -3.91
N LYS A 319 -12.51 17.58 -4.07
CA LYS A 319 -13.29 17.06 -5.19
C LYS A 319 -14.77 17.28 -4.94
N ILE A 320 -15.10 17.79 -3.76
CA ILE A 320 -16.48 18.06 -3.38
C ILE A 320 -17.33 16.80 -3.41
N TRP A 321 -16.81 15.73 -2.80
CA TRP A 321 -17.53 14.47 -2.74
C TRP A 321 -18.09 14.32 -1.33
N GLN A 322 -19.14 13.51 -1.18
CA GLN A 322 -19.74 13.28 0.12
C GLN A 322 -19.24 11.93 0.62
N LEU A 323 -18.66 11.93 1.83
CA LEU A 323 -18.14 10.70 2.41
C LEU A 323 -19.20 9.61 2.53
N LYS A 324 -20.46 10.01 2.65
CA LYS A 324 -21.55 9.06 2.79
C LYS A 324 -21.62 8.16 1.56
N GLU A 325 -20.94 8.58 0.48
CA GLU A 325 -20.92 7.81 -0.75
C GLU A 325 -19.91 6.68 -0.67
N LEU A 326 -19.10 6.69 0.40
CA LEU A 326 -18.08 5.67 0.57
C LEU A 326 -18.63 4.44 1.29
N GLY A 327 -18.58 3.29 0.61
CA GLY A 327 -19.04 2.07 1.23
C GLY A 327 -18.04 1.67 2.30
N TYR A 328 -18.48 0.87 3.28
CA TYR A 328 -17.58 0.45 4.35
C TYR A 328 -18.13 -0.76 5.10
N ALA A 329 -17.24 -1.48 5.79
CA ALA A 329 -17.64 -2.65 6.56
C ALA A 329 -16.49 -3.24 7.37
N ALA A 330 -16.79 -3.66 8.59
CA ALA A 330 -15.80 -4.27 9.47
C ALA A 330 -16.10 -5.76 9.55
N VAL A 331 -15.11 -6.58 9.20
CA VAL A 331 -15.29 -8.03 9.22
C VAL A 331 -14.40 -8.71 10.28
N ASP A 332 -15.01 -9.60 11.06
CA ASP A 332 -14.26 -10.31 12.10
C ASP A 332 -13.59 -11.55 11.52
N ASP A 333 -12.72 -12.19 12.30
CA ASP A 333 -12.00 -13.38 11.85
C ASP A 333 -12.88 -14.61 11.59
N GLU A 334 -13.91 -14.79 12.40
CA GLU A 334 -14.80 -15.92 12.22
C GLU A 334 -15.44 -15.80 10.84
N THR A 335 -15.90 -14.59 10.52
CA THR A 335 -16.51 -14.34 9.22
C THR A 335 -15.48 -14.47 8.12
N THR A 336 -14.25 -14.08 8.43
CA THR A 336 -13.14 -14.15 7.47
C THR A 336 -12.89 -15.60 7.06
N GLN A 337 -12.74 -16.48 8.04
CA GLN A 337 -12.49 -17.89 7.78
C GLN A 337 -13.58 -18.50 6.91
N GLN A 338 -14.84 -18.30 7.31
CA GLN A 338 -15.96 -18.84 6.54
C GLN A 338 -16.00 -18.24 5.14
N THR A 339 -15.62 -16.98 5.01
CA THR A 339 -15.61 -16.32 3.72
C THR A 339 -14.54 -16.95 2.84
N MET A 340 -13.42 -17.35 3.44
CA MET A 340 -12.35 -17.99 2.70
C MET A 340 -12.85 -19.36 2.24
N ARG A 341 -13.66 -19.99 3.08
CA ARG A 341 -14.23 -21.31 2.77
C ARG A 341 -15.09 -21.16 1.52
N GLU A 342 -15.93 -20.12 1.52
CA GLU A 342 -16.81 -19.84 0.40
C GLU A 342 -16.06 -19.67 -0.90
N LEU A 343 -15.06 -18.79 -0.89
CA LEU A 343 -14.25 -18.53 -2.08
C LEU A 343 -13.67 -19.81 -2.64
N LYS A 344 -13.18 -20.68 -1.78
CA LYS A 344 -12.62 -21.95 -2.22
C LYS A 344 -13.72 -22.72 -2.94
N GLU A 345 -14.91 -22.72 -2.34
CA GLU A 345 -16.06 -23.41 -2.91
C GLU A 345 -16.34 -22.91 -4.32
N LEU A 346 -16.18 -21.60 -4.50
CA LEU A 346 -16.41 -20.97 -5.80
C LEU A 346 -15.28 -21.31 -6.77
N GLY A 347 -14.21 -21.89 -6.24
CA GLY A 347 -13.09 -22.25 -7.08
C GLY A 347 -11.96 -21.25 -7.09
N TYR A 348 -11.87 -20.43 -6.04
CA TYR A 348 -10.81 -19.42 -5.95
C TYR A 348 -10.12 -19.46 -4.60
N THR A 349 -8.81 -19.66 -4.61
CA THR A 349 -8.02 -19.70 -3.38
C THR A 349 -7.66 -18.28 -2.97
N SER A 350 -8.01 -17.90 -1.74
CA SER A 350 -7.72 -16.57 -1.24
C SER A 350 -7.15 -16.61 0.18
N GLU A 351 -7.04 -15.44 0.80
CA GLU A 351 -6.51 -15.35 2.15
C GLU A 351 -7.28 -14.30 2.98
N PRO A 352 -6.98 -14.19 4.27
CA PRO A 352 -7.64 -13.23 5.18
C PRO A 352 -7.90 -11.82 4.66
N HIS A 353 -6.86 -11.16 4.20
CA HIS A 353 -6.96 -9.79 3.71
C HIS A 353 -7.96 -9.63 2.57
N ALA A 354 -7.79 -10.43 1.53
CA ALA A 354 -8.67 -10.38 0.37
C ALA A 354 -10.08 -10.83 0.74
N ALA A 355 -10.17 -11.80 1.65
CA ALA A 355 -11.46 -12.31 2.09
C ALA A 355 -12.30 -11.19 2.69
N VAL A 356 -11.66 -10.33 3.47
CA VAL A 356 -12.36 -9.22 4.10
C VAL A 356 -12.98 -8.32 3.05
N ALA A 357 -12.24 -8.06 1.97
CA ALA A 357 -12.74 -7.23 0.89
C ALA A 357 -13.90 -7.91 0.19
N TYR A 358 -13.72 -9.17 -0.18
CA TYR A 358 -14.76 -9.93 -0.86
C TYR A 358 -16.05 -9.97 -0.04
N ARG A 359 -15.92 -10.16 1.27
CA ARG A 359 -17.07 -10.24 2.16
C ARG A 359 -17.91 -8.97 2.07
N ALA A 360 -17.24 -7.82 2.15
CA ALA A 360 -17.90 -6.53 2.08
C ALA A 360 -18.49 -6.30 0.70
N LEU A 361 -17.75 -6.69 -0.33
CA LEU A 361 -18.21 -6.51 -1.71
C LEU A 361 -19.43 -7.38 -1.98
N ARG A 362 -19.34 -8.66 -1.59
CA ARG A 362 -20.42 -9.62 -1.80
C ARG A 362 -21.70 -9.18 -1.09
N ASP A 363 -21.56 -8.56 0.06
CA ASP A 363 -22.72 -8.11 0.83
C ASP A 363 -23.22 -6.73 0.44
N GLN A 364 -22.56 -6.09 -0.52
CA GLN A 364 -22.97 -4.75 -0.94
C GLN A 364 -23.09 -4.56 -2.45
N LEU A 365 -22.75 -5.60 -3.21
CA LEU A 365 -22.83 -5.53 -4.67
C LEU A 365 -24.28 -5.69 -5.13
N ASN A 366 -24.88 -4.60 -5.59
CA ASN A 366 -26.26 -4.62 -6.07
C ASN A 366 -26.36 -5.22 -7.48
N PRO A 367 -27.55 -5.72 -7.85
CA PRO A 367 -27.74 -6.32 -9.18
C PRO A 367 -27.43 -5.36 -10.32
N GLY A 368 -26.79 -5.88 -11.36
CA GLY A 368 -26.43 -5.05 -12.50
C GLY A 368 -25.03 -4.50 -12.40
N GLU A 369 -24.46 -4.55 -11.19
CA GLU A 369 -23.12 -4.04 -10.96
C GLU A 369 -22.07 -5.15 -10.98
N TYR A 370 -20.85 -4.79 -11.34
CA TYR A 370 -19.74 -5.74 -11.37
C TYR A 370 -18.86 -5.36 -10.20
N GLY A 371 -18.46 -6.33 -9.40
CA GLY A 371 -17.61 -6.05 -8.25
C GLY A 371 -16.18 -6.53 -8.35
N LEU A 372 -15.28 -5.75 -7.75
CA LEU A 372 -13.87 -6.07 -7.72
C LEU A 372 -13.33 -5.92 -6.31
N PHE A 373 -12.52 -6.89 -5.89
CA PHE A 373 -11.90 -6.85 -4.57
C PHE A 373 -10.43 -7.13 -4.79
N LEU A 374 -9.57 -6.31 -4.20
CA LEU A 374 -8.14 -6.44 -4.39
C LEU A 374 -7.48 -7.58 -3.63
N GLY A 375 -6.74 -8.41 -4.37
CA GLY A 375 -6.01 -9.51 -3.75
C GLY A 375 -4.65 -8.94 -3.39
N THR A 376 -4.63 -8.21 -2.27
CA THR A 376 -3.43 -7.55 -1.78
C THR A 376 -2.16 -8.37 -1.55
N ALA A 377 -2.28 -9.69 -1.49
CA ALA A 377 -1.10 -10.52 -1.26
C ALA A 377 -1.36 -11.99 -1.56
N HIS A 378 -0.29 -12.70 -1.94
CA HIS A 378 -0.38 -14.12 -2.26
C HIS A 378 -0.79 -14.89 -1.00
N PRO A 379 -1.79 -15.77 -1.12
CA PRO A 379 -2.26 -16.57 0.02
C PRO A 379 -1.15 -17.35 0.73
N ALA A 380 -0.13 -17.74 -0.03
CA ALA A 380 0.98 -18.51 0.53
C ALA A 380 1.76 -17.78 1.61
N LYS A 381 1.68 -16.46 1.65
CA LYS A 381 2.40 -15.68 2.66
C LYS A 381 1.79 -15.93 4.04
N PHE A 382 0.68 -16.66 4.05
CA PHE A 382 -0.02 -17.01 5.29
C PHE A 382 -0.40 -18.48 5.16
N LYS A 383 0.56 -19.29 4.72
CA LYS A 383 0.38 -20.72 4.52
C LYS A 383 -0.29 -21.43 5.69
N GLU A 384 0.27 -21.29 6.89
CA GLU A 384 -0.29 -21.93 8.08
C GLU A 384 -1.80 -21.76 8.15
N SER A 385 -2.23 -20.51 8.27
CA SER A 385 -3.65 -20.17 8.38
C SER A 385 -4.49 -20.65 7.21
N VAL A 386 -4.07 -20.32 5.99
CA VAL A 386 -4.81 -20.72 4.80
C VAL A 386 -5.04 -22.24 4.75
N GLU A 387 -4.00 -23.00 5.06
CA GLU A 387 -4.11 -24.47 5.04
C GLU A 387 -5.13 -24.97 6.06
N ALA A 388 -5.04 -24.47 7.29
CA ALA A 388 -5.94 -24.87 8.35
C ALA A 388 -7.37 -24.36 8.14
N ILE A 389 -7.50 -23.18 7.53
CA ILE A 389 -8.82 -22.61 7.27
C ILE A 389 -9.48 -23.24 6.06
N LEU A 390 -8.70 -23.58 5.05
CA LEU A 390 -9.24 -24.19 3.86
C LEU A 390 -9.25 -25.71 3.92
N GLY A 391 -8.40 -26.27 4.78
CA GLY A 391 -8.34 -27.71 4.93
C GLY A 391 -7.64 -28.40 3.77
N GLU A 392 -6.63 -27.75 3.21
CA GLU A 392 -5.88 -28.32 2.09
C GLU A 392 -4.45 -27.82 2.12
N THR A 393 -3.52 -28.67 1.70
CA THR A 393 -2.11 -28.33 1.68
C THR A 393 -1.86 -27.24 0.64
N LEU A 394 -0.76 -26.51 0.79
CA LEU A 394 -0.42 -25.44 -0.12
C LEU A 394 1.09 -25.36 -0.34
N ASP A 395 1.52 -25.46 -1.60
CA ASP A 395 2.94 -25.40 -1.92
C ASP A 395 3.46 -23.97 -1.78
N LEU A 396 4.74 -23.86 -1.44
CA LEU A 396 5.35 -22.56 -1.24
C LEU A 396 6.07 -22.04 -2.48
N PRO A 397 5.71 -20.83 -2.95
CA PRO A 397 6.33 -20.24 -4.13
C PRO A 397 7.85 -20.07 -3.93
N LYS A 398 8.58 -19.99 -5.03
CA LYS A 398 10.03 -19.85 -4.99
C LYS A 398 10.48 -18.64 -4.16
N GLU A 399 9.73 -17.55 -4.24
CA GLU A 399 10.08 -16.34 -3.51
C GLU A 399 10.06 -16.54 -2.00
N LEU A 400 9.18 -17.42 -1.53
CA LEU A 400 9.07 -17.70 -0.10
C LEU A 400 9.95 -18.88 0.30
N ALA A 401 9.89 -19.95 -0.48
CA ALA A 401 10.67 -21.16 -0.21
C ALA A 401 12.17 -20.89 -0.05
N GLU A 402 12.70 -19.97 -0.85
CA GLU A 402 14.12 -19.66 -0.81
C GLU A 402 14.56 -18.86 0.41
N ARG A 403 13.64 -18.60 1.33
CA ARG A 403 13.97 -17.85 2.54
C ARG A 403 13.24 -18.35 3.77
N ALA A 404 12.45 -19.41 3.60
CA ALA A 404 11.70 -19.98 4.70
C ALA A 404 12.59 -20.62 5.75
N ASP A 405 13.74 -21.15 5.32
CA ASP A 405 14.67 -21.80 6.22
C ASP A 405 15.84 -20.93 6.67
N LEU A 406 15.92 -19.71 6.13
CA LEU A 406 16.99 -18.80 6.49
C LEU A 406 16.78 -18.21 7.88
N PRO A 407 17.87 -17.94 8.62
CA PRO A 407 17.81 -17.39 9.97
C PRO A 407 17.38 -15.92 10.00
N LEU A 408 16.67 -15.53 11.05
CA LEU A 408 16.21 -14.16 11.21
C LEU A 408 17.37 -13.31 11.71
N LEU A 409 17.34 -12.02 11.38
CA LEU A 409 18.40 -11.11 11.78
C LEU A 409 17.82 -9.87 12.46
N SER A 410 16.58 -9.96 12.90
CA SER A 410 15.90 -8.84 13.54
C SER A 410 16.40 -8.52 14.94
N HIS A 411 16.50 -7.23 15.23
CA HIS A 411 16.91 -6.76 16.54
C HIS A 411 15.62 -6.57 17.33
N ASN A 412 15.70 -6.63 18.64
CA ASN A 412 14.52 -6.44 19.47
C ASN A 412 14.66 -5.13 20.23
N LEU A 413 13.63 -4.28 20.12
CA LEU A 413 13.64 -2.98 20.78
C LEU A 413 12.26 -2.62 21.30
N PRO A 414 12.21 -1.92 22.45
CA PRO A 414 10.93 -1.51 23.03
C PRO A 414 10.40 -0.29 22.27
N ALA A 415 9.14 0.05 22.48
CA ALA A 415 8.54 1.19 21.81
C ALA A 415 9.10 2.50 22.38
N ASP A 416 10.41 2.70 22.21
CA ASP A 416 11.05 3.91 22.71
C ASP A 416 11.92 4.53 21.65
N PHE A 417 11.57 5.75 21.23
CA PHE A 417 12.33 6.45 20.19
C PHE A 417 13.80 6.60 20.54
N ALA A 418 14.10 6.68 21.83
CA ALA A 418 15.47 6.84 22.29
C ALA A 418 16.28 5.59 21.95
N ALA A 419 15.69 4.43 22.19
CA ALA A 419 16.36 3.17 21.91
C ALA A 419 16.60 3.03 20.42
N LEU A 420 15.58 3.33 19.63
CA LEU A 420 15.69 3.24 18.17
C LEU A 420 16.78 4.17 17.66
N ARG A 421 16.74 5.41 18.12
CA ARG A 421 17.71 6.41 17.70
C ARG A 421 19.14 5.92 17.94
N LYS A 422 19.37 5.27 19.08
CA LYS A 422 20.69 4.75 19.41
C LYS A 422 21.09 3.62 18.48
N LEU A 423 20.18 2.67 18.28
CA LEU A 423 20.45 1.53 17.42
C LEU A 423 20.77 1.99 16.00
N MET A 424 20.05 3.01 15.54
CA MET A 424 20.27 3.53 14.19
C MET A 424 21.64 4.19 14.09
N MET A 425 22.08 4.82 15.18
CA MET A 425 23.38 5.48 15.18
C MET A 425 24.50 4.48 15.43
N ASN A 426 24.11 3.21 15.62
CA ASN A 426 25.07 2.14 15.86
C ASN A 426 25.20 1.23 14.65
N HIS A 427 24.31 1.41 13.68
CA HIS A 427 24.32 0.60 12.47
C HIS A 427 24.33 1.45 11.21
N GLN A 428 25.17 2.47 11.21
CA GLN A 428 25.28 3.36 10.06
C GLN A 428 26.00 2.66 8.91
S SO4 B . -3.43 -0.23 3.16
O1 SO4 B . -3.18 0.47 1.89
O2 SO4 B . -2.42 0.21 4.15
O3 SO4 B . -4.77 0.09 3.65
O4 SO4 B . -3.31 -1.69 2.95
OA KPA C . -0.04 -2.95 4.55
CA KPA C . 0.83 -2.36 5.27
C KPA C . 2.16 -3.14 5.45
O KPA C . 3.04 -2.61 6.14
OXT KPA C . 2.32 -4.23 4.93
CB KPA C . 0.45 -1.11 5.81
CG KPA C . 1.15 0.25 6.12
CP KPA C . 2.40 0.47 5.26
P KPA C . 2.19 1.57 3.83
O1 KPA C . 0.96 1.18 3.05
O2 KPA C . 2.06 2.96 4.41
O3 KPA C . 3.36 1.39 2.94
#